data_1H3T
#
_entry.id   1H3T
#
_cell.length_a   49.572
_cell.length_b   80.776
_cell.length_c   139.648
_cell.angle_alpha   90.00
_cell.angle_beta   90.00
_cell.angle_gamma   90.00
#
_symmetry.space_group_name_H-M   'P 21 21 21'
#
loop_
_entity.id
_entity.type
_entity.pdbx_description
1 polymer 'IG GAMMA-1 CHAIN C REGION'
2 branched beta-D-mannopyranose-(1-4)-2-acetamido-2-deoxy-beta-D-glucopyranose-(1-4)-[beta-L-fucopyranose-(1-6)]2-acetamido-2-deoxy-beta-D-glucopyranose
3 non-polymer beta-D-mannopyranose
4 water water
#
_entity_poly.entity_id   1
_entity_poly.type   'polypeptide(L)'
_entity_poly.pdbx_seq_one_letter_code
;TCPPCPAPELLGGPSVFLFPPKPKDTLMISRTPEVTCVVVDVSHEDPQVKFNWYVDGVQVHNAKTKPREQQYNSTYRVVS
VLTVLHQNWLDGKEYKCKVSNKALPAPIEKTISKAKGQPREPQVYTLPPSREEMTKNQVSLTCLVKGFYPSDIAVEWESN
GQPENNYKTTPPVLDSDGSFFLYSKLTVDKSRWQQGNVFSCSVMHEALHNHYTQKSLSLSPGK
;
_entity_poly.pdbx_strand_id   A,B
#
# COMPACT_ATOMS: atom_id res chain seq x y z
N PRO A 14 -27.82 4.14 -2.11
CA PRO A 14 -27.33 2.92 -2.80
C PRO A 14 -25.93 3.17 -3.35
N SER A 15 -25.02 2.22 -3.13
CA SER A 15 -23.64 2.36 -3.60
C SER A 15 -23.25 1.15 -4.43
N VAL A 16 -22.43 1.36 -5.44
CA VAL A 16 -21.96 0.28 -6.31
C VAL A 16 -20.45 0.21 -6.29
N PHE A 17 -19.90 -0.98 -6.20
CA PHE A 17 -18.45 -1.18 -6.20
C PHE A 17 -18.12 -2.27 -7.21
N LEU A 18 -17.16 -2.00 -8.08
CA LEU A 18 -16.72 -2.96 -9.09
C LEU A 18 -15.35 -3.54 -8.72
N PHE A 19 -15.29 -4.85 -8.55
CA PHE A 19 -14.05 -5.55 -8.22
C PHE A 19 -13.51 -6.34 -9.41
N PRO A 20 -12.21 -6.25 -9.67
CA PRO A 20 -11.59 -6.96 -10.78
C PRO A 20 -11.25 -8.37 -10.35
N PRO A 21 -10.70 -9.17 -11.27
CA PRO A 21 -10.35 -10.54 -10.87
C PRO A 21 -9.05 -10.55 -10.07
N LYS A 22 -8.71 -11.72 -9.54
CA LYS A 22 -7.49 -11.89 -8.77
C LYS A 22 -6.34 -12.10 -9.75
N PRO A 23 -5.16 -11.54 -9.44
CA PRO A 23 -3.96 -11.66 -10.27
C PRO A 23 -3.72 -13.03 -10.91
N LYS A 24 -3.78 -14.09 -10.11
CA LYS A 24 -3.54 -15.44 -10.60
C LYS A 24 -4.66 -16.03 -11.47
N ASP A 25 -5.90 -15.59 -11.26
CA ASP A 25 -7.01 -16.12 -12.05
C ASP A 25 -6.91 -15.82 -13.52
N THR A 26 -6.37 -14.66 -13.86
CA THR A 26 -6.23 -14.24 -15.25
C THR A 26 -5.00 -14.88 -15.90
N LEU A 27 -4.05 -15.31 -15.06
CA LEU A 27 -2.80 -15.88 -15.54
C LEU A 27 -2.74 -17.39 -15.74
N MET A 28 -3.74 -18.11 -15.24
CA MET A 28 -3.77 -19.58 -15.40
C MET A 28 -5.14 -20.04 -15.91
N ILE A 29 -5.19 -20.60 -17.11
CA ILE A 29 -6.46 -21.03 -17.68
C ILE A 29 -7.17 -22.03 -16.78
N SER A 30 -6.43 -22.57 -15.83
CA SER A 30 -6.96 -23.53 -14.85
C SER A 30 -7.97 -22.84 -13.92
N ARG A 31 -7.69 -21.59 -13.59
CA ARG A 31 -8.53 -20.83 -12.69
C ARG A 31 -9.65 -20.08 -13.40
N THR A 32 -10.57 -19.53 -12.60
CA THR A 32 -11.73 -18.79 -13.10
C THR A 32 -11.75 -17.32 -12.73
N PRO A 33 -11.29 -16.45 -13.65
CA PRO A 33 -11.28 -15.02 -13.39
C PRO A 33 -12.69 -14.43 -13.54
N GLU A 34 -13.07 -13.58 -12.60
CA GLU A 34 -14.38 -12.95 -12.66
C GLU A 34 -14.38 -11.50 -12.20
N VAL A 35 -15.48 -10.82 -12.51
CA VAL A 35 -15.67 -9.44 -12.16
C VAL A 35 -16.93 -9.42 -11.32
N THR A 36 -16.81 -8.85 -10.13
CA THR A 36 -17.89 -8.80 -9.18
C THR A 36 -18.43 -7.39 -9.01
N CYS A 37 -19.75 -7.25 -9.17
CA CYS A 37 -20.39 -5.96 -8.99
C CYS A 37 -21.25 -6.10 -7.72
N VAL A 38 -21.09 -5.16 -6.80
CA VAL A 38 -21.82 -5.17 -5.55
C VAL A 38 -22.59 -3.87 -5.35
N VAL A 39 -23.80 -3.98 -4.85
CA VAL A 39 -24.62 -2.80 -4.57
C VAL A 39 -25.00 -2.84 -3.11
N VAL A 40 -24.64 -1.79 -2.38
CA VAL A 40 -25.01 -1.74 -0.98
C VAL A 40 -25.98 -0.58 -0.83
N ASP A 41 -26.72 -0.59 0.28
CA ASP A 41 -27.69 0.45 0.59
C ASP A 41 -28.87 0.43 -0.35
N VAL A 42 -29.30 -0.79 -0.69
CA VAL A 42 -30.48 -0.91 -1.53
C VAL A 42 -31.62 -0.76 -0.55
N SER A 43 -32.56 0.12 -0.86
CA SER A 43 -33.72 0.38 -0.01
C SER A 43 -34.49 -0.87 0.38
N HIS A 44 -34.85 -0.95 1.66
CA HIS A 44 -35.59 -2.09 2.18
C HIS A 44 -36.96 -2.25 1.50
N GLU A 45 -37.56 -1.12 1.14
CA GLU A 45 -38.88 -1.07 0.50
C GLU A 45 -38.87 -1.49 -0.97
N ASP A 46 -38.01 -0.87 -1.76
CA ASP A 46 -37.89 -1.19 -3.20
C ASP A 46 -36.56 -1.91 -3.42
N PRO A 47 -36.44 -3.16 -2.94
CA PRO A 47 -35.24 -4.00 -3.05
C PRO A 47 -34.96 -4.59 -4.42
N GLN A 48 -35.77 -4.23 -5.41
CA GLN A 48 -35.59 -4.74 -6.76
C GLN A 48 -34.39 -4.10 -7.45
N VAL A 49 -33.51 -4.95 -7.97
CA VAL A 49 -32.30 -4.48 -8.64
C VAL A 49 -32.03 -5.21 -9.95
N LYS A 50 -31.85 -4.44 -11.01
CA LYS A 50 -31.55 -5.02 -12.32
C LYS A 50 -30.08 -4.76 -12.68
N PHE A 51 -29.40 -5.79 -13.19
CA PHE A 51 -28.01 -5.66 -13.60
C PHE A 51 -27.85 -5.80 -15.12
N ASN A 52 -27.04 -4.94 -15.71
CA ASN A 52 -26.74 -4.96 -17.15
C ASN A 52 -25.21 -4.93 -17.26
N TRP A 53 -24.66 -5.88 -18.01
CA TRP A 53 -23.21 -5.98 -18.18
C TRP A 53 -22.77 -5.70 -19.61
N TYR A 54 -21.65 -5.00 -19.77
CA TYR A 54 -21.13 -4.68 -21.10
C TYR A 54 -19.65 -4.94 -21.13
N VAL A 55 -19.20 -5.59 -22.20
CA VAL A 55 -17.77 -5.88 -22.39
C VAL A 55 -17.41 -5.03 -23.59
N ASP A 56 -16.79 -3.88 -23.32
CA ASP A 56 -16.40 -2.92 -24.34
C ASP A 56 -17.61 -2.25 -24.98
N GLY A 57 -18.63 -1.99 -24.18
CA GLY A 57 -19.83 -1.34 -24.69
C GLY A 57 -20.85 -2.30 -25.26
N VAL A 58 -20.43 -3.53 -25.54
CA VAL A 58 -21.36 -4.52 -26.10
C VAL A 58 -22.02 -5.31 -25.00
N GLN A 59 -23.20 -5.83 -25.31
CA GLN A 59 -23.96 -6.68 -24.40
C GLN A 59 -24.97 -6.01 -23.47
N VAL A 60 -25.71 -5.02 -23.95
CA VAL A 60 -26.72 -4.39 -23.11
C VAL A 60 -27.64 -5.54 -22.78
N HIS A 61 -27.78 -6.43 -23.76
CA HIS A 61 -28.59 -7.63 -23.70
C HIS A 61 -27.94 -8.64 -22.75
N ASN A 62 -28.73 -9.61 -22.28
CA ASN A 62 -28.25 -10.60 -21.35
C ASN A 62 -27.06 -11.47 -21.75
N ALA A 63 -26.24 -11.79 -20.75
CA ALA A 63 -25.04 -12.59 -20.93
C ALA A 63 -24.86 -13.50 -19.71
N LYS A 64 -23.62 -13.86 -19.40
CA LYS A 64 -23.30 -14.71 -18.25
C LYS A 64 -23.98 -14.15 -17.00
N THR A 65 -23.29 -13.30 -16.25
CA THR A 65 -23.85 -12.66 -15.06
C THR A 65 -24.58 -13.60 -14.09
N LYS A 66 -24.63 -13.22 -12.81
CA LYS A 66 -25.35 -14.03 -11.81
C LYS A 66 -25.48 -13.36 -10.44
N PRO A 67 -26.70 -12.88 -10.08
CA PRO A 67 -27.05 -12.20 -8.80
C PRO A 67 -27.43 -13.15 -7.65
N ARG A 68 -28.09 -12.60 -6.62
CA ARG A 68 -28.53 -13.33 -5.40
C ARG A 68 -29.54 -12.65 -4.44
N GLU A 69 -29.18 -11.50 -3.91
CA GLU A 69 -29.95 -10.69 -2.93
C GLU A 69 -29.63 -11.06 -1.45
N GLN A 70 -29.59 -10.05 -0.59
CA GLN A 70 -29.22 -10.23 0.81
C GLN A 70 -29.70 -9.08 1.72
N GLN A 71 -30.32 -9.41 2.84
CA GLN A 71 -30.82 -8.41 3.78
C GLN A 71 -29.89 -8.13 4.96
N TYR A 72 -29.74 -6.85 5.31
CA TYR A 72 -28.88 -6.46 6.42
C TYR A 72 -29.53 -5.55 7.47
N ASN A 73 -28.71 -4.65 8.03
CA ASN A 73 -29.16 -3.69 9.05
C ASN A 73 -30.54 -3.10 8.82
N SER A 74 -30.71 -2.44 7.67
CA SER A 74 -31.96 -1.80 7.27
C SER A 74 -31.91 -1.56 5.76
N THR A 75 -31.08 -2.32 5.08
CA THR A 75 -30.92 -2.20 3.63
C THR A 75 -30.69 -3.56 3.00
N TYR A 76 -30.51 -3.57 1.69
CA TYR A 76 -30.26 -4.79 0.96
C TYR A 76 -28.94 -4.71 0.21
N ARG A 77 -28.25 -5.83 0.16
CA ARG A 77 -26.99 -5.94 -0.52
C ARG A 77 -27.20 -6.95 -1.64
N VAL A 78 -26.83 -6.61 -2.87
CA VAL A 78 -27.01 -7.52 -3.98
C VAL A 78 -25.69 -7.66 -4.73
N VAL A 79 -25.30 -8.90 -5.04
CA VAL A 79 -24.07 -9.15 -5.77
C VAL A 79 -24.32 -9.83 -7.12
N SER A 80 -23.63 -9.35 -8.16
CA SER A 80 -23.69 -9.92 -9.50
C SER A 80 -22.25 -10.33 -9.91
N VAL A 81 -22.08 -11.56 -10.38
CA VAL A 81 -20.76 -12.04 -10.80
C VAL A 81 -20.67 -12.34 -12.30
N LEU A 82 -19.62 -11.80 -12.92
CA LEU A 82 -19.38 -12.00 -14.34
C LEU A 82 -18.05 -12.69 -14.60
N THR A 83 -18.11 -13.87 -15.22
CA THR A 83 -16.91 -14.60 -15.55
C THR A 83 -16.33 -13.95 -16.79
N VAL A 84 -15.02 -13.76 -16.82
CA VAL A 84 -14.39 -13.15 -17.97
C VAL A 84 -13.42 -14.15 -18.56
N LEU A 85 -13.09 -13.98 -19.83
CA LEU A 85 -12.12 -14.85 -20.47
C LEU A 85 -10.75 -14.26 -20.19
N HIS A 86 -9.82 -15.13 -19.80
CA HIS A 86 -8.45 -14.73 -19.48
C HIS A 86 -7.86 -13.75 -20.48
N GLN A 87 -7.93 -14.10 -21.77
CA GLN A 87 -7.37 -13.22 -22.80
C GLN A 87 -8.13 -11.92 -22.94
N ASN A 88 -9.43 -11.94 -22.66
CA ASN A 88 -10.21 -10.71 -22.76
C ASN A 88 -9.66 -9.73 -21.74
N TRP A 89 -9.44 -10.20 -20.52
CA TRP A 89 -8.90 -9.33 -19.49
C TRP A 89 -7.47 -8.89 -19.83
N LEU A 90 -6.62 -9.82 -20.25
CA LEU A 90 -5.25 -9.47 -20.59
C LEU A 90 -5.16 -8.60 -21.83
N ASP A 91 -6.22 -8.59 -22.65
CA ASP A 91 -6.25 -7.74 -23.84
C ASP A 91 -6.86 -6.36 -23.59
N GLY A 92 -7.05 -6.02 -22.32
CA GLY A 92 -7.57 -4.72 -21.95
C GLY A 92 -9.05 -4.44 -22.11
N LYS A 93 -9.87 -5.45 -22.38
CA LYS A 93 -11.31 -5.24 -22.54
C LYS A 93 -11.88 -4.48 -21.34
N GLU A 94 -12.86 -3.62 -21.59
CA GLU A 94 -13.50 -2.85 -20.51
C GLU A 94 -14.81 -3.50 -20.04
N TYR A 95 -14.94 -3.70 -18.71
CA TYR A 95 -16.15 -4.31 -18.17
C TYR A 95 -17.02 -3.32 -17.44
N LYS A 96 -18.25 -3.15 -17.93
CA LYS A 96 -19.16 -2.21 -17.30
C LYS A 96 -20.32 -2.85 -16.56
N CYS A 97 -20.57 -2.36 -15.36
CA CYS A 97 -21.68 -2.84 -14.56
C CYS A 97 -22.63 -1.67 -14.44
N LYS A 98 -23.89 -1.90 -14.80
CA LYS A 98 -24.93 -0.89 -14.73
C LYS A 98 -25.97 -1.37 -13.73
N VAL A 99 -26.24 -0.56 -12.73
CA VAL A 99 -27.20 -0.93 -11.70
C VAL A 99 -28.41 -0.01 -11.73
N SER A 100 -29.60 -0.59 -11.87
CA SER A 100 -30.81 0.22 -11.89
C SER A 100 -31.73 -0.16 -10.75
N ASN A 101 -32.42 0.84 -10.22
CA ASN A 101 -33.34 0.63 -9.12
C ASN A 101 -34.49 1.64 -9.19
N LYS A 102 -35.71 1.18 -8.99
CA LYS A 102 -36.91 2.03 -9.06
C LYS A 102 -36.76 3.31 -8.25
N ALA A 103 -36.02 3.24 -7.15
CA ALA A 103 -35.81 4.40 -6.30
C ALA A 103 -34.53 5.18 -6.62
N LEU A 104 -34.06 5.07 -7.85
CA LEU A 104 -32.85 5.78 -8.23
C LEU A 104 -33.15 6.82 -9.31
N PRO A 105 -32.60 8.03 -9.16
CA PRO A 105 -32.78 9.15 -10.10
C PRO A 105 -32.40 8.69 -11.51
N ALA A 106 -31.28 7.98 -11.57
CA ALA A 106 -30.75 7.43 -12.81
C ALA A 106 -29.84 6.25 -12.48
N PRO A 107 -29.70 5.31 -13.42
CA PRO A 107 -28.86 4.14 -13.19
C PRO A 107 -27.46 4.55 -12.77
N ILE A 108 -26.73 3.60 -12.21
CA ILE A 108 -25.38 3.85 -11.77
C ILE A 108 -24.49 2.96 -12.61
N GLU A 109 -23.41 3.52 -13.14
CA GLU A 109 -22.50 2.77 -13.97
C GLU A 109 -21.07 2.77 -13.43
N LYS A 110 -20.40 1.62 -13.54
CA LYS A 110 -19.03 1.49 -13.10
C LYS A 110 -18.34 0.63 -14.14
N THR A 111 -17.10 0.96 -14.46
CA THR A 111 -16.34 0.22 -15.46
C THR A 111 -14.96 -0.11 -14.91
N ILE A 112 -14.48 -1.32 -15.18
CA ILE A 112 -13.16 -1.73 -14.71
C ILE A 112 -12.43 -2.46 -15.82
N SER A 113 -11.10 -2.50 -15.72
CA SER A 113 -10.24 -3.17 -16.71
C SER A 113 -8.82 -3.23 -16.15
N LYS A 114 -7.89 -3.85 -16.85
CA LYS A 114 -6.54 -3.86 -16.32
C LYS A 114 -5.97 -2.49 -16.72
N ALA A 115 -5.05 -1.95 -15.92
CA ALA A 115 -4.47 -0.63 -16.19
C ALA A 115 -3.91 -0.46 -17.61
N LYS A 116 -4.02 0.75 -18.14
CA LYS A 116 -3.53 1.04 -19.48
C LYS A 116 -2.01 1.18 -19.48
N GLY A 117 -1.37 0.58 -20.47
CA GLY A 117 0.07 0.65 -20.57
C GLY A 117 0.63 -0.64 -21.12
N GLN A 118 1.93 -0.64 -21.42
CA GLN A 118 2.59 -1.82 -21.97
C GLN A 118 3.19 -2.70 -20.88
N PRO A 119 2.85 -3.99 -20.87
CA PRO A 119 3.34 -4.96 -19.88
C PRO A 119 4.86 -4.94 -19.81
N ARG A 120 5.38 -5.04 -18.59
CA ARG A 120 6.82 -5.04 -18.34
C ARG A 120 7.16 -6.24 -17.49
N GLU A 121 8.14 -7.01 -17.96
CA GLU A 121 8.54 -8.21 -17.25
C GLU A 121 9.17 -7.87 -15.91
N PRO A 122 8.70 -8.51 -14.84
CA PRO A 122 9.28 -8.23 -13.53
C PRO A 122 10.68 -8.83 -13.43
N GLN A 123 11.54 -8.19 -12.64
CA GLN A 123 12.90 -8.71 -12.42
C GLN A 123 12.83 -9.24 -10.99
N VAL A 124 13.20 -10.51 -10.81
CA VAL A 124 13.11 -11.13 -9.49
C VAL A 124 14.45 -11.51 -8.85
N TYR A 125 14.80 -10.81 -7.76
CA TYR A 125 16.06 -11.08 -7.06
C TYR A 125 15.85 -11.52 -5.60
N THR A 126 16.51 -12.61 -5.19
CA THR A 126 16.37 -13.05 -3.80
C THR A 126 17.53 -12.51 -2.98
N LEU A 127 17.27 -12.22 -1.72
CA LEU A 127 18.31 -11.65 -0.86
C LEU A 127 18.34 -12.33 0.51
N PRO A 128 19.50 -12.88 0.88
CA PRO A 128 19.68 -13.55 2.17
C PRO A 128 19.60 -12.52 3.31
N PRO A 129 19.40 -12.99 4.55
CA PRO A 129 19.32 -12.12 5.73
C PRO A 129 20.63 -11.37 5.98
N SER A 130 20.55 -10.25 6.69
CA SER A 130 21.75 -9.47 7.01
C SER A 130 22.61 -10.24 7.99
N ARG A 131 23.90 -9.96 8.00
CA ARG A 131 24.78 -10.62 8.95
C ARG A 131 24.31 -10.20 10.33
N GLU A 132 23.90 -8.94 10.43
CA GLU A 132 23.44 -8.37 11.68
C GLU A 132 22.11 -8.92 12.18
N GLU A 133 21.37 -9.62 11.31
CA GLU A 133 20.10 -10.19 11.73
C GLU A 133 20.31 -11.62 12.19
N MET A 134 21.39 -12.23 11.75
CA MET A 134 21.65 -13.60 12.12
C MET A 134 22.02 -13.77 13.59
N THR A 135 21.79 -12.73 14.38
CA THR A 135 22.06 -12.78 15.81
C THR A 135 20.72 -13.03 16.52
N LYS A 136 19.66 -13.09 15.71
CA LYS A 136 18.29 -13.32 16.20
C LYS A 136 17.90 -14.78 16.01
N ASN A 137 16.80 -15.19 16.62
CA ASN A 137 16.32 -16.57 16.51
C ASN A 137 15.61 -16.81 15.18
N GLN A 138 15.33 -15.72 14.46
CA GLN A 138 14.68 -15.81 13.16
C GLN A 138 15.24 -14.76 12.21
N VAL A 139 15.46 -15.15 10.95
CA VAL A 139 16.00 -14.26 9.95
C VAL A 139 14.98 -13.92 8.86
N SER A 140 15.39 -13.06 7.92
CA SER A 140 14.53 -12.61 6.84
C SER A 140 15.09 -12.92 5.47
N LEU A 141 14.34 -13.70 4.72
CA LEU A 141 14.73 -14.04 3.35
C LEU A 141 13.91 -13.08 2.52
N THR A 142 14.59 -12.30 1.69
CA THR A 142 13.95 -11.28 0.89
C THR A 142 13.87 -11.55 -0.60
N CYS A 143 12.74 -11.16 -1.19
CA CYS A 143 12.56 -11.34 -2.62
C CYS A 143 12.14 -10.00 -3.19
N LEU A 144 12.96 -9.47 -4.08
CA LEU A 144 12.71 -8.19 -4.71
C LEU A 144 12.15 -8.41 -6.10
N VAL A 145 10.99 -7.81 -6.36
CA VAL A 145 10.37 -7.92 -7.66
C VAL A 145 10.24 -6.47 -8.14
N LYS A 146 10.96 -6.13 -9.20
CA LYS A 146 10.91 -4.77 -9.72
C LYS A 146 10.74 -4.71 -11.22
N GLY A 147 10.48 -3.51 -11.72
CA GLY A 147 10.31 -3.28 -13.15
C GLY A 147 9.10 -3.88 -13.86
N PHE A 148 8.00 -4.12 -13.15
CA PHE A 148 6.82 -4.71 -13.79
C PHE A 148 5.64 -3.76 -13.93
N TYR A 149 4.76 -4.11 -14.87
CA TYR A 149 3.55 -3.34 -15.17
C TYR A 149 2.57 -4.26 -15.95
N PRO A 150 1.27 -4.22 -15.63
CA PRO A 150 0.66 -3.37 -14.59
C PRO A 150 1.08 -3.92 -13.24
N SER A 151 0.44 -3.43 -12.17
CA SER A 151 0.79 -3.87 -10.82
C SER A 151 0.18 -5.21 -10.42
N ASP A 152 -0.72 -5.72 -11.24
CA ASP A 152 -1.36 -7.01 -10.96
C ASP A 152 -0.24 -8.04 -10.93
N ILE A 153 -0.04 -8.68 -9.78
CA ILE A 153 1.04 -9.65 -9.62
C ILE A 153 0.83 -10.58 -8.41
N ALA A 154 1.46 -11.75 -8.43
CA ALA A 154 1.35 -12.67 -7.31
C ALA A 154 2.72 -13.23 -6.92
N VAL A 155 2.99 -13.20 -5.61
CA VAL A 155 4.26 -13.68 -5.07
C VAL A 155 4.07 -14.72 -3.96
N GLU A 156 4.79 -15.84 -4.06
CA GLU A 156 4.69 -16.90 -3.05
C GLU A 156 6.05 -17.51 -2.73
N TRP A 157 6.11 -18.24 -1.61
CA TRP A 157 7.34 -18.90 -1.16
C TRP A 157 7.14 -20.39 -0.91
N GLU A 158 8.20 -21.16 -1.12
CA GLU A 158 8.18 -22.60 -0.90
C GLU A 158 9.60 -22.99 -0.53
N SER A 159 9.77 -24.05 0.26
CA SER A 159 11.11 -24.49 0.65
C SER A 159 11.54 -25.68 -0.16
N ASN A 160 10.67 -26.67 -0.24
CA ASN A 160 10.92 -27.87 -1.00
C ASN A 160 9.80 -27.90 -2.02
N GLY A 161 8.85 -28.78 -1.81
CA GLY A 161 7.72 -28.84 -2.70
C GLY A 161 6.57 -28.19 -1.95
N GLN A 162 6.78 -28.01 -0.65
CA GLN A 162 5.75 -27.42 0.21
C GLN A 162 5.86 -25.91 0.38
N PRO A 163 4.72 -25.25 0.61
CA PRO A 163 4.56 -23.81 0.81
C PRO A 163 4.99 -23.31 2.18
N GLU A 164 5.83 -22.29 2.21
CA GLU A 164 6.28 -21.67 3.44
C GLU A 164 5.12 -20.72 3.73
N ASN A 165 4.56 -20.77 4.92
CA ASN A 165 3.42 -19.92 5.19
C ASN A 165 3.70 -18.57 5.85
N ASN A 166 4.76 -18.50 6.66
CA ASN A 166 5.09 -17.27 7.37
C ASN A 166 5.78 -16.17 6.57
N TYR A 167 5.07 -15.57 5.62
CA TYR A 167 5.65 -14.50 4.83
C TYR A 167 4.67 -13.36 4.61
N LYS A 168 5.20 -12.19 4.30
CA LYS A 168 4.39 -11.00 4.04
C LYS A 168 4.98 -10.28 2.83
N THR A 169 4.10 -9.80 1.96
CA THR A 169 4.50 -9.11 0.77
C THR A 169 3.99 -7.68 0.84
N THR A 170 4.85 -6.72 0.53
CA THR A 170 4.40 -5.33 0.56
C THR A 170 3.50 -5.13 -0.64
N PRO A 171 2.72 -4.05 -0.64
CA PRO A 171 1.87 -3.83 -1.80
C PRO A 171 2.80 -3.25 -2.86
N PRO A 172 2.43 -3.31 -4.14
CA PRO A 172 3.31 -2.76 -5.18
C PRO A 172 3.51 -1.26 -4.98
N VAL A 173 4.67 -0.73 -5.38
CA VAL A 173 4.95 0.68 -5.23
C VAL A 173 5.39 1.25 -6.56
N LEU A 174 4.85 2.41 -6.93
CA LEU A 174 5.19 3.03 -8.19
C LEU A 174 6.63 3.53 -8.13
N ASP A 175 7.48 3.04 -9.02
CA ASP A 175 8.88 3.45 -9.04
C ASP A 175 9.07 4.70 -9.89
N SER A 176 10.30 5.19 -9.95
CA SER A 176 10.58 6.41 -10.70
C SER A 176 10.35 6.33 -12.23
N ASP A 177 10.49 5.15 -12.83
CA ASP A 177 10.27 5.04 -14.28
C ASP A 177 8.87 4.57 -14.69
N GLY A 178 7.91 4.66 -13.77
CA GLY A 178 6.56 4.27 -14.14
C GLY A 178 6.23 2.80 -13.94
N SER A 179 7.24 2.00 -13.65
CA SER A 179 7.01 0.58 -13.41
C SER A 179 6.73 0.44 -11.91
N PHE A 180 6.44 -0.79 -11.48
CA PHE A 180 6.12 -1.10 -10.08
C PHE A 180 7.14 -2.05 -9.46
N PHE A 181 7.25 -2.00 -8.15
CA PHE A 181 8.14 -2.92 -7.47
C PHE A 181 7.54 -3.26 -6.14
N LEU A 182 8.10 -4.29 -5.51
CA LEU A 182 7.64 -4.69 -4.21
C LEU A 182 8.69 -5.60 -3.61
N TYR A 183 8.46 -5.95 -2.36
CA TYR A 183 9.34 -6.85 -1.63
C TYR A 183 8.46 -7.85 -0.87
N SER A 184 8.86 -9.11 -0.87
CA SER A 184 8.16 -10.13 -0.11
C SER A 184 9.19 -10.64 0.88
N LYS A 185 8.81 -10.69 2.15
CA LYS A 185 9.71 -11.12 3.23
C LYS A 185 9.30 -12.47 3.82
N LEU A 186 10.16 -13.47 3.66
CA LEU A 186 9.87 -14.79 4.22
C LEU A 186 10.62 -14.94 5.54
N THR A 187 9.90 -15.34 6.58
CA THR A 187 10.48 -15.53 7.89
C THR A 187 10.63 -17.02 8.24
N VAL A 188 11.88 -17.46 8.34
CA VAL A 188 12.16 -18.86 8.67
C VAL A 188 13.03 -18.90 9.94
N ASP A 189 12.92 -20.00 10.69
CA ASP A 189 13.74 -20.13 11.89
C ASP A 189 15.20 -20.02 11.47
N LYS A 190 15.97 -19.29 12.25
CA LYS A 190 17.40 -19.10 11.98
C LYS A 190 18.05 -20.44 11.68
N SER A 191 17.74 -21.44 12.50
CA SER A 191 18.29 -22.78 12.35
C SER A 191 18.12 -23.38 10.95
N ARG A 192 16.93 -23.25 10.37
CA ARG A 192 16.68 -23.78 9.04
C ARG A 192 17.62 -23.18 8.01
N TRP A 193 17.70 -21.86 7.98
CA TRP A 193 18.56 -21.18 7.04
C TRP A 193 20.04 -21.54 7.17
N GLN A 194 20.45 -21.94 8.37
CA GLN A 194 21.85 -22.32 8.57
C GLN A 194 22.04 -23.75 8.11
N GLN A 195 20.97 -24.54 8.20
CA GLN A 195 20.99 -25.94 7.78
C GLN A 195 21.08 -26.11 6.27
N GLY A 196 21.25 -25.01 5.53
CA GLY A 196 21.36 -25.09 4.08
C GLY A 196 20.08 -25.32 3.29
N ASN A 197 18.91 -25.07 3.90
CA ASN A 197 17.65 -25.25 3.20
C ASN A 197 17.53 -24.28 2.02
N VAL A 198 17.02 -24.79 0.90
CA VAL A 198 16.85 -23.96 -0.28
C VAL A 198 15.42 -23.41 -0.31
N PHE A 199 15.28 -22.09 -0.34
CA PHE A 199 13.95 -21.51 -0.40
C PHE A 199 13.73 -20.91 -1.76
N SER A 200 12.46 -20.80 -2.15
CA SER A 200 12.16 -20.26 -3.47
C SER A 200 11.03 -19.25 -3.51
N CYS A 201 11.27 -18.20 -4.29
CA CYS A 201 10.33 -17.11 -4.50
C CYS A 201 9.63 -17.32 -5.84
N SER A 202 8.31 -17.45 -5.81
CA SER A 202 7.57 -17.62 -7.05
C SER A 202 6.85 -16.33 -7.40
N VAL A 203 6.95 -15.92 -8.67
CA VAL A 203 6.28 -14.71 -9.08
C VAL A 203 5.48 -14.97 -10.35
N MET A 204 4.20 -14.59 -10.32
CA MET A 204 3.32 -14.78 -11.47
C MET A 204 2.89 -13.42 -12.01
N HIS A 205 3.11 -13.24 -13.31
CA HIS A 205 2.80 -11.99 -13.96
C HIS A 205 2.56 -12.19 -15.48
N GLU A 206 1.72 -11.32 -16.03
CA GLU A 206 1.37 -11.31 -17.46
C GLU A 206 2.60 -11.29 -18.38
N ALA A 207 3.61 -10.54 -18.00
CA ALA A 207 4.82 -10.41 -18.81
C ALA A 207 5.91 -11.48 -18.60
N LEU A 208 5.60 -12.54 -17.85
CA LEU A 208 6.59 -13.60 -17.64
C LEU A 208 6.26 -14.75 -18.60
N HIS A 209 7.28 -15.50 -19.00
CA HIS A 209 7.14 -16.61 -19.93
C HIS A 209 5.78 -17.31 -19.87
N ASN A 210 5.66 -18.32 -19.03
CA ASN A 210 4.38 -19.01 -18.90
C ASN A 210 3.73 -18.35 -17.70
N HIS A 211 3.73 -17.02 -17.72
CA HIS A 211 3.19 -16.20 -16.64
C HIS A 211 3.81 -16.63 -15.30
N TYR A 212 5.07 -17.07 -15.35
CA TYR A 212 5.72 -17.53 -14.15
C TYR A 212 7.25 -17.59 -14.17
N THR A 213 7.83 -17.49 -12.99
CA THR A 213 9.27 -17.57 -12.82
C THR A 213 9.51 -17.82 -11.36
N GLN A 214 10.70 -18.30 -11.05
CA GLN A 214 11.06 -18.62 -9.68
C GLN A 214 12.53 -18.36 -9.45
N LYS A 215 12.88 -18.01 -8.22
CA LYS A 215 14.28 -17.76 -7.87
C LYS A 215 14.56 -18.44 -6.54
N SER A 216 15.72 -19.10 -6.46
CA SER A 216 16.13 -19.82 -5.26
C SER A 216 17.00 -18.96 -4.35
N LEU A 217 17.02 -19.30 -3.07
CA LEU A 217 17.82 -18.57 -2.09
C LEU A 217 18.33 -19.57 -1.05
N SER A 218 19.66 -19.74 -0.98
CA SER A 218 20.28 -20.68 -0.04
C SER A 218 21.59 -20.15 0.51
N LEU A 219 22.02 -20.72 1.64
CA LEU A 219 23.29 -20.33 2.27
C LEU A 219 24.39 -21.27 1.82
N SER A 220 25.43 -20.71 1.21
CA SER A 220 26.57 -21.49 0.73
C SER A 220 27.64 -20.57 0.13
N PRO A 221 27.48 -20.15 -1.04
N PRO B 14 -20.72 18.35 1.67
CA PRO B 14 -19.41 18.60 2.32
C PRO B 14 -19.00 17.51 3.30
N SER B 15 -17.92 16.79 2.96
CA SER B 15 -17.39 15.71 3.79
C SER B 15 -16.07 16.17 4.40
N VAL B 16 -15.84 15.82 5.67
CA VAL B 16 -14.61 16.23 6.37
C VAL B 16 -13.62 15.10 6.66
N PHE B 17 -12.34 15.35 6.37
CA PHE B 17 -11.28 14.37 6.60
C PHE B 17 -10.19 14.96 7.50
N LEU B 18 -9.85 14.23 8.55
CA LEU B 18 -8.82 14.68 9.46
C LEU B 18 -7.53 13.92 9.18
N PHE B 19 -6.42 14.64 9.15
CA PHE B 19 -5.13 14.03 8.86
C PHE B 19 -4.10 14.25 9.97
N PRO B 20 -3.21 13.26 10.17
CA PRO B 20 -2.16 13.34 11.20
C PRO B 20 -0.89 14.01 10.68
N PRO B 21 -0.04 14.48 11.60
CA PRO B 21 1.21 15.14 11.20
C PRO B 21 2.12 14.15 10.48
N LYS B 22 3.20 14.66 9.89
CA LYS B 22 4.16 13.81 9.20
C LYS B 22 5.04 13.19 10.26
N PRO B 23 5.24 11.87 10.19
CA PRO B 23 6.06 11.14 11.15
C PRO B 23 7.37 11.85 11.51
N LYS B 24 8.11 12.29 10.52
CA LYS B 24 9.37 12.95 10.78
C LYS B 24 9.19 14.25 11.57
N ASP B 25 8.12 14.97 11.31
CA ASP B 25 7.88 16.24 12.01
C ASP B 25 7.72 16.16 13.52
N THR B 26 7.03 15.14 13.98
CA THR B 26 6.79 14.96 15.40
C THR B 26 8.06 14.45 16.08
N LEU B 27 9.00 13.94 15.29
CA LEU B 27 10.24 13.37 15.81
C LEU B 27 11.46 14.29 15.93
N MET B 28 11.33 15.53 15.45
CA MET B 28 12.44 16.49 15.52
C MET B 28 11.94 17.87 15.95
N ILE B 29 12.49 18.36 17.06
CA ILE B 29 12.10 19.67 17.57
C ILE B 29 12.36 20.78 16.54
N SER B 30 13.35 20.58 15.68
CA SER B 30 13.66 21.57 14.66
C SER B 30 12.51 21.80 13.66
N ARG B 31 11.60 20.84 13.51
CA ARG B 31 10.49 21.03 12.57
C ARG B 31 9.10 21.17 13.22
N THR B 32 8.07 21.44 12.42
CA THR B 32 6.72 21.66 12.97
C THR B 32 5.65 20.64 12.59
N PRO B 33 5.19 19.83 13.55
CA PRO B 33 4.16 18.82 13.29
C PRO B 33 2.81 19.51 13.21
N GLU B 34 1.93 19.03 12.35
CA GLU B 34 0.64 19.68 12.25
C GLU B 34 -0.50 18.74 11.84
N VAL B 35 -1.68 19.04 12.35
CA VAL B 35 -2.88 18.29 12.05
C VAL B 35 -3.61 19.08 10.97
N THR B 36 -3.96 18.41 9.88
CA THR B 36 -4.64 19.06 8.76
C THR B 36 -6.10 18.58 8.62
N CYS B 37 -7.04 19.52 8.62
CA CYS B 37 -8.46 19.18 8.50
C CYS B 37 -8.96 19.58 7.11
N VAL B 38 -9.17 18.58 6.25
CA VAL B 38 -9.61 18.81 4.88
C VAL B 38 -11.12 18.73 4.66
N VAL B 39 -11.74 19.87 4.41
CA VAL B 39 -13.19 19.95 4.17
C VAL B 39 -13.44 20.09 2.67
N VAL B 40 -13.95 19.02 2.05
CA VAL B 40 -14.19 19.02 0.61
C VAL B 40 -15.63 19.26 0.16
N ASP B 41 -15.80 19.32 -1.16
CA ASP B 41 -17.08 19.53 -1.84
C VAL B 42 -18.51 23.62 -1.57
N SER B 43 -19.77 23.99 -1.77
CA SER B 43 -20.18 24.69 -2.98
C SER B 43 -19.92 26.20 -2.98
N HIS B 44 -20.58 26.90 -3.90
CA HIS B 44 -20.39 28.32 -4.07
N GLN B 48 -18.47 29.85 3.31
CA GLN B 48 -18.22 30.29 4.68
N LYS B 50 -16.60 27.36 8.64
CA LYS B 50 -15.98 27.75 9.89
C LYS B 50 -15.22 26.57 10.51
N PHE B 51 -14.39 26.86 11.52
CA PHE B 51 -13.59 25.83 12.19
C PHE B 51 -13.45 26.09 13.68
N ASN B 52 -12.93 25.09 14.37
C ASN B 52 -12.01 23.91 16.31
C TRP B 53 -10.27 22.83 19.13
N TYR B 54 -10.15 21.59 19.61
CA TYR B 54 -10.27 21.29 21.04
C TYR B 54 -9.09 20.60 21.74
N VAL B 55 -8.62 19.51 21.12
CA VAL B 55 -7.50 18.76 21.69
C VAL B 55 -7.64 18.33 23.18
N ASP B 56 -7.92 17.05 23.38
CA ASP B 56 -8.08 16.48 24.72
C ASP B 56 -9.14 17.19 25.55
N GLY B 57 -10.18 17.66 24.86
CA GLY B 57 -11.27 18.35 25.52
C GLY B 57 -11.21 19.86 25.46
N VAL B 58 -10.32 20.43 26.26
CA VAL B 58 -10.11 21.87 26.35
C VAL B 58 -10.21 22.68 25.05
C GLN B 59 -11.56 24.86 23.31
N VAL B 60 -12.39 25.88 23.48
CA VAL B 60 -13.69 25.96 22.81
C VAL B 60 -13.62 26.90 21.61
N HIS B 61 -13.11 28.10 21.82
CA HIS B 61 -12.98 29.05 20.73
C HIS B 61 -11.76 29.96 20.76
N ASN B 62 -11.06 29.95 19.64
CA ASN B 62 -9.86 30.74 19.33
C ASN B 62 -8.49 30.04 19.29
N ALA B 63 -8.16 29.66 18.06
CA ALA B 63 -7.01 28.93 17.52
C ALA B 63 -5.69 28.52 18.20
N LYS B 64 -4.82 28.09 17.30
CA LYS B 64 -3.46 27.60 17.46
C LYS B 64 -3.53 27.07 16.01
N THR B 65 -4.35 27.76 15.23
CA THR B 65 -4.61 27.42 13.84
C THR B 65 -4.35 28.46 12.76
N LYS B 66 -4.84 28.15 11.55
CA LYS B 66 -4.61 29.02 10.41
C LYS B 66 -5.21 28.50 9.10
N PRO B 67 -6.33 29.11 8.64
CA PRO B 67 -6.95 28.64 7.40
CA ARG B 68 -7.36 30.29 3.97
C ARG B 68 -8.03 29.61 2.77
N GLU B 69 -9.28 29.98 2.54
CA GLU B 69 -10.13 29.44 1.47
C GLU B 69 -9.53 29.45 0.06
N GLN B 70 -9.19 28.28 -0.46
CA GLN B 70 -8.65 28.17 -1.81
C GLN B 70 -9.63 27.45 -2.75
N GLN B 71 -9.15 26.83 -3.82
CA GLN B 71 -10.07 26.19 -4.78
C GLN B 71 -10.21 24.67 -4.86
N ASN B 73 -12.03 21.69 -8.18
CA ASN B 73 -12.46 21.57 -9.57
C ASN B 73 -13.63 22.47 -9.91
N SER B 74 -14.50 22.67 -8.94
CA SER B 74 -15.68 23.52 -9.09
C SER B 74 -16.37 23.45 -7.74
CA THR B 75 -15.98 23.06 -5.36
C THR B 75 -14.99 23.80 -4.45
N TYR B 76 -15.36 23.94 -3.18
CA TYR B 76 -14.54 24.61 -2.20
C TYR B 76 -13.68 23.59 -1.47
N ARG B 77 -12.92 24.06 -0.49
CA ARG B 77 -12.05 23.20 0.31
C ARG B 77 -11.31 24.07 1.31
N VAL B 78 -12.02 24.47 2.37
CA VAL B 78 -11.45 25.30 3.42
C VAL B 78 -10.63 24.44 4.39
N VAL B 79 -9.38 24.17 4.03
CA VAL B 79 -8.50 23.37 4.88
C VAL B 79 -7.92 24.21 6.04
N SER B 80 -7.87 23.61 7.22
CA SER B 80 -7.32 24.30 8.38
C SER B 80 -6.11 23.53 8.92
N VAL B 81 -5.02 24.25 9.21
CA VAL B 81 -3.81 23.63 9.73
C VAL B 81 -3.51 24.09 11.16
N LEU B 82 -3.34 23.14 12.07
CA LEU B 82 -3.05 23.41 13.48
C LEU B 82 -1.65 22.93 13.87
N THR B 83 -0.92 23.75 14.61
CA THR B 83 0.41 23.38 15.03
C THR B 83 0.29 22.58 16.32
N VAL B 84 0.84 21.37 16.32
CA VAL B 84 0.78 20.50 17.47
C VAL B 84 2.12 20.41 18.17
N LEU B 85 2.10 20.24 19.49
CA LEU B 85 3.33 20.11 20.25
C LEU B 85 3.82 18.69 20.05
N HIS B 86 5.08 18.54 19.63
CA HIS B 86 5.66 17.23 19.40
C HIS B 86 5.29 16.26 20.53
N GLN B 87 5.63 16.65 21.75
CA GLN B 87 5.38 15.87 22.95
C GLN B 87 3.90 15.50 23.13
N ASN B 88 3.03 16.47 22.96
CA ASN B 88 1.59 16.25 23.11
C ASN B 88 1.08 15.13 22.21
N TRP B 89 1.50 15.13 20.95
CA TRP B 89 1.06 14.08 20.02
C TRP B 89 1.61 12.72 20.38
N LEU B 90 2.90 12.65 20.66
CA LEU B 90 3.52 11.37 21.01
C LEU B 90 2.89 10.76 22.26
N ASP B 91 2.28 11.59 23.10
CA ASP B 91 1.66 11.09 24.31
C ASP B 91 0.24 10.58 24.09
N GLY B 92 -0.23 10.68 22.85
CA GLY B 92 -1.55 10.18 22.50
C GLY B 92 -2.73 11.10 22.71
N LYS B 93 -2.48 12.39 22.91
CA LYS B 93 -3.57 13.33 23.10
C LYS B 93 -4.48 13.33 21.86
N GLU B 94 -5.77 13.55 22.06
CA GLU B 94 -6.71 13.58 20.95
C GLU B 94 -6.82 14.96 20.34
N TYR B 95 -7.09 15.01 19.04
CA TYR B 95 -7.25 16.28 18.37
C TYR B 95 -8.57 16.25 17.64
N LYS B 96 -9.46 17.15 18.05
CA LYS B 96 -10.80 17.22 17.48
C LYS B 96 -11.03 18.41 16.54
N CYS B 97 -11.34 18.11 15.28
CA CYS B 97 -11.61 19.17 14.30
C CYS B 97 -13.11 19.29 14.03
N LYS B 98 -13.71 20.37 14.51
CA LYS B 98 -15.13 20.62 14.30
C LYS B 98 -15.35 21.74 13.30
N VAL B 99 -16.13 21.45 12.28
CA VAL B 99 -16.43 22.43 11.24
C VAL B 99 -17.67 23.23 11.68
N SER B 100 -18.36 23.81 10.71
CA SER B 100 -19.57 24.60 10.95
C SER B 100 -20.03 25.18 9.61
N ASN B 101 -21.02 24.54 9.00
CA ASN B 101 -21.55 24.98 7.71
C ASN B 101 -23.07 25.07 7.77
N LYS B 102 -23.65 25.87 6.87
CA LYS B 102 -25.10 26.03 6.84
C LYS B 102 -25.76 25.31 5.68
N ALA B 103 -25.01 24.41 5.05
CA ALA B 103 -25.52 23.60 3.95
C ALA B 103 -25.42 22.16 4.44
N LEU B 104 -25.22 22.02 5.75
CA LEU B 104 -25.08 20.72 6.39
C LEU B 104 -26.07 20.63 7.58
N PRO B 105 -26.86 19.55 7.65
CA PRO B 105 -27.85 19.32 8.71
C PRO B 105 -27.27 19.55 10.11
N ALA B 106 -26.05 19.07 10.30
CA ALA B 106 -25.35 19.22 11.57
C ALA B 106 -23.84 19.23 11.28
N PRO B 107 -23.04 19.84 12.17
CA PRO B 107 -21.59 19.87 11.96
C PRO B 107 -20.97 18.48 11.93
N ILE B 108 -19.76 18.39 11.39
CA ILE B 108 -19.04 17.11 11.32
C ILE B 108 -17.78 17.20 12.16
N GLU B 109 -17.78 16.50 13.30
CA GLU B 109 -16.63 16.50 14.21
C GLU B 109 -15.68 15.32 14.07
N LYS B 110 -14.78 15.37 13.09
CA LYS B 110 -13.82 14.28 12.93
C LYS B 110 -12.72 14.47 13.98
N THR B 111 -12.12 13.37 14.41
CA THR B 111 -11.05 13.42 15.40
C THR B 111 -10.01 12.35 15.11
N ILE B 112 -8.80 12.52 15.65
CA ILE B 112 -7.73 11.54 15.42
C ILE B 112 -6.62 11.68 16.45
N SER B 113 -5.93 10.58 16.72
CA SER B 113 -4.82 10.56 17.67
C SER B 113 -3.80 9.51 17.24
N LYS B 114 -2.64 9.50 17.88
CA LYS B 114 -1.61 8.52 17.54
C LYS B 114 -2.09 7.15 17.96
N ALA B 115 -1.75 6.15 17.16
CA ALA B 115 -2.12 4.78 17.45
C ALA B 115 -1.72 4.40 18.87
N LYS B 116 -2.52 3.53 19.49
CA LYS B 116 -2.31 3.08 20.86
C LYS B 116 -1.49 1.79 20.96
N GLY B 117 -0.82 1.63 22.10
CA GLY B 117 -0.02 0.43 22.32
C GLY B 117 1.47 0.68 22.53
N GLN B 118 2.09 -0.25 23.24
CA GLN B 118 3.52 -0.19 23.53
C GLN B 118 4.37 0.08 22.29
N PRO B 119 5.07 1.23 22.27
CA PRO B 119 5.88 1.45 21.07
C PRO B 119 7.00 0.38 21.02
N ARG B 120 7.44 0.03 19.81
CA ARG B 120 8.49 -0.96 19.67
C ARG B 120 9.56 -0.45 18.70
N GLU B 121 10.80 -0.59 19.13
CA GLU B 121 11.96 -0.15 18.37
C GLU B 121 12.22 -0.91 17.07
N PRO B 122 12.45 -0.14 16.00
CA PRO B 122 12.71 -0.71 14.69
C PRO B 122 14.08 -1.37 14.59
N GLN B 123 14.15 -2.46 13.83
CA GLN B 123 15.37 -3.18 13.59
C GLN B 123 15.75 -2.78 12.17
N VAL B 124 16.95 -2.28 11.99
CA VAL B 124 17.36 -1.83 10.68
C VAL B 124 18.48 -2.70 10.11
N TYR B 125 18.30 -3.13 8.86
CA TYR B 125 19.26 -3.99 8.16
C TYR B 125 19.42 -3.59 6.70
N THR B 126 20.66 -3.31 6.30
CA THR B 126 20.94 -2.95 4.92
C THR B 126 21.28 -4.21 4.15
N LEU B 127 20.88 -4.27 2.89
CA LEU B 127 21.17 -5.44 2.08
C LEU B 127 21.80 -5.05 0.74
N PRO B 128 22.89 -5.74 0.36
CA PRO B 128 23.61 -5.50 -0.89
C PRO B 128 22.73 -5.88 -2.09
N PRO B 129 23.10 -5.43 -3.29
CA PRO B 129 22.33 -5.79 -4.49
C PRO B 129 22.52 -7.28 -4.73
N SER B 130 21.55 -7.94 -5.36
CA SER B 130 21.68 -9.38 -5.63
C SER B 130 22.74 -9.62 -6.69
N ARG B 131 23.40 -10.78 -6.63
CA ARG B 131 24.44 -11.10 -7.61
C ARG B 131 23.86 -10.97 -9.01
N GLU B 132 22.69 -11.59 -9.20
CA GLU B 132 22.01 -11.57 -10.47
C GLU B 132 21.72 -10.16 -10.98
N GLU B 133 21.72 -9.17 -10.09
CA GLU B 133 21.44 -7.79 -10.51
C GLU B 133 22.64 -7.08 -11.09
N MET B 134 23.83 -7.54 -10.72
CA MET B 134 25.06 -6.91 -11.20
C MET B 134 25.29 -7.08 -12.71
N THR B 135 24.21 -7.26 -13.48
CA THR B 135 24.30 -7.38 -14.94
C THR B 135 23.75 -6.09 -15.56
N LYS B 136 23.06 -5.29 -14.74
CA LYS B 136 22.47 -4.03 -15.19
C LYS B 136 23.36 -2.85 -14.81
N ASN B 137 23.11 -1.72 -15.45
CA ASN B 137 23.88 -0.49 -15.21
C ASN B 137 23.48 0.22 -13.91
N GLN B 138 22.38 -0.20 -13.32
CA GLN B 138 21.91 0.38 -12.06
C GLN B 138 21.65 -0.75 -11.08
N VAL B 139 21.85 -0.50 -9.79
CA VAL B 139 21.62 -1.54 -8.80
C VAL B 139 20.75 -1.12 -7.64
N SER B 140 20.19 -2.11 -6.96
CA SER B 140 19.29 -1.88 -5.83
C SER B 140 19.88 -2.09 -4.44
N LEU B 141 19.94 -1.00 -3.66
CA LEU B 141 20.41 -1.08 -2.30
C LEU B 141 19.14 -1.16 -1.48
N THR B 142 19.04 -2.19 -0.65
CA THR B 142 17.86 -2.42 0.17
C THR B 142 18.07 -2.17 1.65
N CYS B 143 17.03 -1.65 2.29
CA CYS B 143 17.05 -1.38 3.73
C CYS B 143 15.78 -1.97 4.31
N LEU B 144 15.94 -3.02 5.09
CA LEU B 144 14.83 -3.66 5.73
C LEU B 144 14.62 -3.00 7.07
N VAL B 145 13.37 -2.67 7.38
CA VAL B 145 13.03 -2.05 8.64
C VAL B 145 11.83 -2.79 9.18
N LYS B 146 12.04 -3.59 10.23
CA LYS B 146 10.96 -4.37 10.83
C LYS B 146 10.86 -4.18 12.34
N GLY B 147 9.87 -4.83 12.94
CA GLY B 147 9.67 -4.78 14.38
C GLY B 147 9.17 -3.48 15.00
N PHE B 148 8.77 -2.51 14.19
CA PHE B 148 8.32 -1.26 14.80
C PHE B 148 6.84 -1.08 15.00
N TYR B 149 6.53 -0.27 16.00
CA TYR B 149 5.17 0.11 16.35
C TYR B 149 5.25 1.44 17.10
N PRO B 150 4.41 2.40 16.74
CA PRO B 150 3.36 2.35 15.70
C PRO B 150 3.97 2.42 14.29
N SER B 151 3.12 2.40 13.25
CA SER B 151 3.62 2.42 11.89
C SER B 151 4.26 3.74 11.42
N ASP B 152 4.12 4.78 12.22
CA ASP B 152 4.71 6.08 11.88
C ASP B 152 6.23 5.94 11.85
N ILE B 153 6.86 6.35 10.75
CA ILE B 153 8.30 6.22 10.62
C ILE B 153 8.80 6.95 9.37
N ALA B 154 10.05 7.38 9.39
CA ALA B 154 10.63 8.09 8.24
C ALA B 154 11.94 7.42 7.83
N VAL B 155 12.14 7.22 6.53
CA VAL B 155 13.34 6.58 6.05
C VAL B 155 13.97 7.42 4.95
N GLU B 156 15.29 7.59 5.02
CA GLU B 156 16.03 8.37 4.02
C GLU B 156 17.40 7.76 3.77
N TRP B 157 18.02 8.14 2.65
CA TRP B 157 19.36 7.63 2.32
C TRP B 157 20.37 8.75 2.15
N GLU B 158 21.65 8.41 2.30
CA GLU B 158 22.72 9.37 2.15
C GLU B 158 23.95 8.67 1.63
N SER B 159 24.92 9.47 1.17
CA SER B 159 26.19 8.97 0.70
C SER B 159 27.20 10.01 1.17
N ASN B 160 28.13 9.58 2.04
CA ASN B 160 29.16 10.46 2.61
C ASN B 160 28.67 11.88 2.93
N GLY B 161 27.50 11.97 3.57
CA GLY B 161 26.95 13.26 3.94
C GLY B 161 26.03 13.95 2.95
N GLN B 162 25.78 13.30 1.81
CA GLN B 162 24.92 13.88 0.77
C GLN B 162 23.65 13.07 0.54
N PRO B 163 22.49 13.76 0.52
CA PRO B 163 21.17 13.15 0.31
C PRO B 163 20.98 12.50 -1.05
N GLU B 164 20.61 11.22 -1.03
CA GLU B 164 20.36 10.48 -2.26
C GLU B 164 18.89 10.75 -2.62
N ASN B 165 18.65 11.04 -3.88
CA ASN B 165 17.31 11.38 -4.34
C ASN B 165 16.51 10.23 -4.95
N ASN B 166 17.19 9.36 -5.71
CA ASN B 166 16.50 8.26 -6.38
C ASN B 166 16.23 7.01 -5.54
N TYR B 167 15.30 7.14 -4.60
CA TYR B 167 14.93 6.02 -3.75
C TYR B 167 13.42 6.00 -3.53
N LYS B 168 12.93 4.83 -3.17
CA LYS B 168 11.52 4.65 -2.91
C LYS B 168 11.39 3.75 -1.69
N THR B 169 10.35 3.96 -0.92
CA THR B 169 10.10 3.16 0.27
C THR B 169 8.67 2.64 0.22
N THR B 170 8.47 1.41 0.66
CA THR B 170 7.14 0.80 0.69
C THR B 170 6.43 1.26 1.94
N PRO B 171 5.10 1.35 1.89
CA PRO B 171 4.40 1.78 3.09
C PRO B 171 4.54 0.72 4.17
N PRO B 172 4.14 1.05 5.41
CA PRO B 172 4.27 0.06 6.48
C PRO B 172 3.35 -1.13 6.22
N VAL B 173 3.81 -2.31 6.58
CA VAL B 173 3.02 -3.51 6.40
C VAL B 173 2.94 -4.22 7.75
N LEU B 174 1.72 -4.60 8.12
CA LEU B 174 1.48 -5.28 9.39
C LEU B 174 2.12 -6.65 9.38
N ASP B 175 2.97 -6.92 10.36
CA ASP B 175 3.62 -8.21 10.42
C ASP B 175 2.81 -9.20 11.25
N SER B 176 3.14 -10.48 11.13
CA SER B 176 2.41 -11.50 11.85
C SER B 176 2.39 -11.36 13.38
N ASP B 177 3.30 -10.58 13.95
CA ASP B 177 3.36 -10.44 15.42
C ASP B 177 2.84 -9.11 15.99
N GLY B 178 2.14 -8.33 15.19
CA GLY B 178 1.62 -7.06 15.68
C GLY B 178 2.49 -5.84 15.41
N SER B 179 3.70 -6.06 14.89
CA SER B 179 4.59 -4.95 14.59
C SER B 179 4.51 -4.69 13.08
N PHE B 180 5.25 -3.68 12.60
CA PHE B 180 5.23 -3.32 11.19
C PHE B 180 6.61 -3.41 10.56
N PHE B 181 6.62 -3.47 9.23
CA PHE B 181 7.89 -3.48 8.51
C PHE B 181 7.65 -2.82 7.18
N LEU B 182 8.75 -2.60 6.47
CA LEU B 182 8.71 -1.99 5.16
C LEU B 182 10.11 -2.14 4.64
N TYR B 183 10.29 -1.86 3.36
CA TYR B 183 11.60 -1.93 2.75
C TYR B 183 11.81 -0.61 2.04
N SER B 184 13.04 -0.14 2.03
CA SER B 184 13.39 1.10 1.34
C SER B 184 14.36 0.71 0.23
N LYS B 185 14.16 1.24 -0.96
CA LYS B 185 15.03 0.89 -2.09
C LYS B 185 15.75 2.06 -2.78
N LEU B 186 17.07 2.09 -2.64
CA LEU B 186 17.89 3.13 -3.25
C LEU B 186 18.49 2.61 -4.54
N THR B 187 18.26 3.30 -5.65
CA THR B 187 18.82 2.89 -6.92
C THR B 187 20.07 3.73 -7.20
N VAL B 188 21.17 3.07 -7.52
CA VAL B 188 22.40 3.79 -7.81
C VAL B 188 23.17 3.16 -8.96
N ASP B 189 23.86 3.98 -9.75
CA ASP B 189 24.66 3.46 -10.86
C ASP B 189 25.62 2.40 -10.33
N LYS B 190 25.72 1.29 -11.06
CA LYS B 190 26.59 0.17 -10.67
C LYS B 190 28.05 0.58 -10.49
N SER B 191 28.47 1.68 -11.13
CA SER B 191 29.85 2.13 -11.00
C SER B 191 30.07 2.71 -9.59
N ARG B 192 29.10 3.50 -9.12
CA ARG B 192 29.16 4.12 -7.79
C ARG B 192 29.22 3.03 -6.73
N TRP B 193 28.60 1.89 -7.02
CA TRP B 193 28.62 0.78 -6.07
C TRP B 193 29.90 -0.05 -6.30
N GLN B 194 30.47 0.08 -7.49
CA GLN B 194 31.68 -0.66 -7.82
C GLN B 194 32.89 0.06 -7.25
N GLN B 195 32.85 1.39 -7.25
CA GLN B 195 33.94 2.21 -6.73
C GLN B 195 34.06 2.21 -5.21
N GLY B 196 33.27 1.35 -4.55
CA GLY B 196 33.31 1.26 -3.10
C GLY B 196 32.64 2.35 -2.26
N ASN B 197 31.89 3.25 -2.89
CA ASN B 197 31.22 4.30 -2.12
C ASN B 197 30.35 3.69 -1.02
N VAL B 198 30.17 4.42 0.08
CA VAL B 198 29.35 3.94 1.19
C VAL B 198 28.01 4.66 1.21
N PHE B 199 26.94 3.92 1.48
CA PHE B 199 25.59 4.49 1.52
C PHE B 199 24.98 4.22 2.87
N SER B 200 24.10 5.12 3.31
CA SER B 200 23.48 5.00 4.61
C SER B 200 21.96 5.12 4.56
N CYS B 201 21.31 4.27 5.35
CA CYS B 201 19.86 4.21 5.48
C CYS B 201 19.52 4.83 6.82
N SER B 202 18.86 5.97 6.78
CA SER B 202 18.46 6.69 7.99
C SER B 202 17.03 6.36 8.35
N VAL B 203 16.83 6.03 9.61
CA VAL B 203 15.50 5.70 10.08
C VAL B 203 15.14 6.56 11.31
N MET B 204 13.95 7.15 11.28
CA MET B 204 13.47 7.96 12.38
C MET B 204 12.17 7.37 12.89
N HIS B 205 12.16 7.04 14.18
CA HIS B 205 11.03 6.45 14.83
C HIS B 205 11.05 6.86 16.30
N GLU B 206 9.88 6.91 16.93
CA GLU B 206 9.79 7.34 18.33
C GLU B 206 10.50 6.45 19.33
N ALA B 207 10.58 5.15 19.05
CA ALA B 207 11.23 4.21 19.98
C ALA B 207 12.74 4.02 19.77
N LEU B 208 13.36 4.87 18.95
CA LEU B 208 14.81 4.82 18.71
C LEU B 208 15.48 5.82 19.63
N HIS B 209 16.65 5.51 20.16
CA HIS B 209 17.34 6.46 21.03
C HIS B 209 17.57 7.69 20.15
N ASN B 210 17.17 8.88 20.62
CA ASN B 210 17.30 10.12 19.86
C ASN B 210 16.45 10.11 18.57
N HIS B 211 15.46 9.22 18.52
CA HIS B 211 14.56 9.09 17.37
C HIS B 211 15.32 8.98 16.05
N TYR B 212 16.47 8.33 16.07
CA TYR B 212 17.24 8.22 14.86
C TYR B 212 18.32 7.16 14.94
N THR B 213 18.47 6.41 13.85
CA THR B 213 19.50 5.38 13.74
C THR B 213 19.93 5.37 12.26
N GLN B 214 21.20 5.16 12.02
CA GLN B 214 21.72 5.14 10.67
C GLN B 214 22.40 3.81 10.44
N LYS B 215 22.23 3.26 9.25
CA LYS B 215 22.83 1.98 8.93
C LYS B 215 23.56 2.11 7.59
N SER B 216 24.83 1.76 7.59
CA SER B 216 25.66 1.88 6.39
C SER B 216 25.79 0.65 5.48
N LEU B 217 25.98 0.93 4.19
CA LEU B 217 26.11 -0.08 3.15
C LEU B 217 27.29 0.21 2.23
N SER B 218 28.03 -0.83 1.85
CA SER B 218 29.15 -0.67 0.94
C SER B 218 29.74 -2.02 0.56
N LEU B 219 30.30 -2.06 -0.65
CA LEU B 219 30.91 -3.27 -1.19
C LEU B 219 32.15 -3.64 -0.39
N SER B 220 32.10 -4.64 0.38
#